data_5HGU
#
_entry.id   5HGU
#
_cell.length_a   122.486
_cell.length_b   61.146
_cell.length_c   80.307
_cell.angle_alpha   90.00
_cell.angle_beta   117.17
_cell.angle_gamma   90.00
#
_symmetry.space_group_name_H-M   'C 1 2 1'
#
loop_
_entity.id
_entity.type
_entity.pdbx_description
1 polymer 'Transcriptional enhancer factor TEF-4'
2 non-polymer 'PALMITIC ACID'
3 water water
#
_entity_poly.entity_id   1
_entity_poly.type   'polypeptide(L)'
_entity_poly.pdbx_seq_one_letter_code
;AWQARGLGTARLQLVEFSAFVEPPDAVDSYQRHLFVHISQHCPSPGAPPLESVDVRQIYDKFPEKKGGLRELYDRGPPHA
FFLVKFWADLNWGPSGEEAGAGGSISSGGFYGVSSQYESLEHMTLTCSSKVCSFGKQVVEKVETERAQLEDGRFVYRLLR
SPMCEYLVNFLHKLRQLPERYMMNSVLENFTILQVVTNRDTQELLLCTAYVFEVSTSERGAQHHIYRLVRDHHHHHH
;
_entity_poly.pdbx_strand_id   A,B
#
loop_
_chem_comp.id
_chem_comp.type
_chem_comp.name
_chem_comp.formula
PLM non-polymer 'PALMITIC ACID' 'C16 H32 O2'
#
# COMPACT_ATOMS: atom_id res chain seq x y z
N GLY A 6 -11.18 26.57 -3.85
CA GLY A 6 -10.14 25.91 -4.62
C GLY A 6 -10.41 24.41 -4.76
N LEU A 7 -9.46 23.61 -4.32
CA LEU A 7 -9.62 22.14 -4.34
C LEU A 7 -10.51 21.68 -3.20
N GLY A 8 -11.80 21.57 -3.47
CA GLY A 8 -12.73 21.22 -2.43
C GLY A 8 -14.19 21.27 -2.84
N THR A 9 -15.04 20.86 -1.92
CA THR A 9 -16.46 20.90 -2.11
C THR A 9 -17.05 21.64 -0.91
N ALA A 10 -18.36 21.69 -0.82
CA ALA A 10 -19.01 22.24 0.37
C ALA A 10 -18.76 21.38 1.61
N ARG A 11 -18.54 20.08 1.41
CA ARG A 11 -18.37 19.17 2.53
C ARG A 11 -16.94 19.03 3.02
N LEU A 12 -15.97 19.23 2.14
CA LEU A 12 -14.58 18.92 2.47
C LEU A 12 -13.66 19.73 1.61
N GLN A 13 -12.70 20.40 2.22
CA GLN A 13 -11.74 21.17 1.44
C GLN A 13 -10.31 20.75 1.78
N LEU A 14 -9.46 20.72 0.74
CA LEU A 14 -8.00 20.53 0.98
C LEU A 14 -7.42 21.84 1.46
N VAL A 15 -6.69 21.79 2.55
CA VAL A 15 -6.10 22.99 3.15
C VAL A 15 -4.62 23.05 2.80
N GLU A 16 -3.95 21.90 2.83
CA GLU A 16 -2.51 21.85 2.59
C GLU A 16 -2.09 20.46 2.13
N PHE A 17 -1.14 20.41 1.21
CA PHE A 17 -0.57 19.16 0.76
C PHE A 17 0.88 19.41 0.46
N SER A 18 1.73 18.47 0.87
CA SER A 18 3.14 18.54 0.56
C SER A 18 3.81 17.20 0.67
N ALA A 19 4.88 17.05 -0.09
CA ALA A 19 5.75 15.90 -0.03
C ALA A 19 7.15 16.43 0.05
N PHE A 20 7.98 15.81 0.87
CA PHE A 20 9.24 16.43 1.24
C PHE A 20 10.25 15.43 1.69
N VAL A 21 11.48 15.92 1.81
CA VAL A 21 12.56 15.14 2.41
C VAL A 21 13.30 16.04 3.40
N GLU A 22 13.59 15.46 4.58
CA GLU A 22 14.35 16.08 5.65
C GLU A 22 15.66 15.33 5.82
N PRO A 23 16.73 16.04 6.17
CA PRO A 23 18.00 15.31 6.26
C PRO A 23 18.19 14.58 7.59
N GLN A 31 14.30 22.58 8.76
CA GLN A 31 14.84 22.82 7.43
C GLN A 31 14.58 21.59 6.56
N ARG A 32 14.01 21.81 5.38
CA ARG A 32 13.60 20.67 4.59
C ARG A 32 13.24 21.06 3.17
N HIS A 33 13.02 20.05 2.31
CA HIS A 33 12.82 20.30 0.90
C HIS A 33 11.47 19.79 0.40
N LEU A 34 10.68 20.69 -0.14
CA LEU A 34 9.41 20.33 -0.73
C LEU A 34 9.58 20.02 -2.21
N PHE A 35 9.17 18.82 -2.59
CA PHE A 35 9.09 18.40 -4.00
C PHE A 35 7.90 19.09 -4.65
N VAL A 36 6.79 19.07 -3.91
CA VAL A 36 5.54 19.70 -4.32
C VAL A 36 4.86 20.24 -3.09
N HIS A 37 3.98 21.21 -3.31
CA HIS A 37 3.37 21.90 -2.20
C HIS A 37 2.15 22.66 -2.64
N ILE A 38 1.06 22.49 -1.90
CA ILE A 38 -0.17 23.23 -2.09
C ILE A 38 -0.55 23.78 -0.73
N SER A 39 -0.67 25.11 -0.59
CA SER A 39 -1.20 25.67 0.64
C SER A 39 -2.44 26.49 0.31
N GLN A 40 -3.49 26.36 1.13
CA GLN A 40 -4.73 27.09 0.92
C GLN A 40 -5.42 27.39 2.25
N LEU A 50 -11.25 29.21 -12.18
CA LEU A 50 -10.62 27.89 -12.08
C LEU A 50 -11.06 26.96 -13.22
N GLU A 51 -10.07 26.59 -14.05
CA GLU A 51 -10.28 25.97 -15.36
C GLU A 51 -10.66 24.50 -15.28
N SER A 52 -10.90 23.88 -16.44
CA SER A 52 -11.54 22.57 -16.50
C SER A 52 -10.84 21.68 -17.49
N VAL A 53 -10.97 20.38 -17.29
CA VAL A 53 -10.27 19.41 -18.12
C VAL A 53 -11.18 18.21 -18.24
N ASP A 54 -11.13 17.56 -19.41
CA ASP A 54 -12.08 16.50 -19.68
C ASP A 54 -11.48 15.19 -19.27
N VAL A 55 -12.04 14.63 -18.21
CA VAL A 55 -11.52 13.41 -17.61
C VAL A 55 -11.26 12.38 -18.69
N ARG A 56 -12.05 12.44 -19.77
CA ARG A 56 -11.90 11.53 -20.91
C ARG A 56 -10.45 11.24 -21.23
N GLN A 57 -9.65 12.30 -21.26
CA GLN A 57 -8.31 12.26 -21.79
C GLN A 57 -7.25 11.80 -20.80
N ILE A 58 -7.67 11.20 -19.70
CA ILE A 58 -6.70 10.73 -18.75
C ILE A 58 -7.15 9.41 -18.16
N TYR A 59 -8.00 8.66 -18.89
CA TYR A 59 -8.37 7.30 -18.49
C TYR A 59 -7.19 6.34 -18.60
N ASP A 60 -6.46 6.41 -19.72
CA ASP A 60 -5.32 5.51 -19.96
C ASP A 60 -4.26 5.67 -18.87
N LYS A 61 -4.29 6.79 -18.15
CA LYS A 61 -3.25 7.13 -17.18
C LYS A 61 -3.50 6.42 -15.83
N PHE A 62 -4.68 5.81 -15.71
CA PHE A 62 -5.05 5.10 -14.49
C PHE A 62 -5.67 3.77 -14.92
N PRO A 63 -5.79 2.82 -13.99
CA PRO A 63 -6.36 1.50 -14.25
C PRO A 63 -7.86 1.42 -14.53
N GLU A 64 -8.27 0.60 -15.47
CA GLU A 64 -9.67 0.44 -15.76
C GLU A 64 -10.13 -0.66 -14.81
N LYS A 65 -10.14 -0.33 -13.53
CA LYS A 65 -10.36 -1.28 -12.43
C LYS A 65 -11.64 -2.10 -12.27
N LYS A 66 -12.85 -1.61 -12.52
CA LYS A 66 -13.17 -0.33 -13.06
C LYS A 66 -13.36 0.67 -11.93
N GLY A 67 -12.74 0.35 -10.79
CA GLY A 67 -12.69 1.20 -9.61
C GLY A 67 -11.68 2.34 -9.81
N GLY A 68 -11.17 2.45 -11.03
CA GLY A 68 -10.23 3.43 -11.48
C GLY A 68 -11.02 4.67 -11.81
N LEU A 69 -10.38 5.58 -12.50
CA LEU A 69 -10.96 6.89 -12.70
C LEU A 69 -12.28 6.86 -13.44
N ARG A 70 -12.31 6.15 -14.57
CA ARG A 70 -13.53 6.12 -15.36
C ARG A 70 -14.70 5.65 -14.51
N GLU A 71 -14.46 4.62 -13.71
CA GLU A 71 -15.51 4.04 -12.90
C GLU A 71 -15.95 5.00 -11.80
N LEU A 72 -14.99 5.61 -11.11
CA LEU A 72 -15.29 6.54 -10.02
C LEU A 72 -16.03 7.78 -10.51
N TYR A 73 -15.62 8.32 -11.65
CA TYR A 73 -16.23 9.53 -12.16
C TYR A 73 -17.66 9.21 -12.57
N ASP A 74 -17.91 7.96 -12.93
CA ASP A 74 -19.25 7.55 -13.30
C ASP A 74 -20.21 7.42 -12.11
N ARG A 75 -19.77 6.89 -10.98
CA ARG A 75 -20.64 6.88 -9.81
C ARG A 75 -20.93 8.30 -9.38
N GLY A 76 -19.94 9.19 -9.44
CA GLY A 76 -20.08 10.59 -9.06
C GLY A 76 -19.85 10.93 -7.61
N PRO A 77 -20.09 12.22 -7.14
CA PRO A 77 -20.52 13.23 -8.11
C PRO A 77 -19.40 13.92 -8.85
N PRO A 78 -19.64 14.53 -9.99
CA PRO A 78 -18.57 15.12 -10.80
C PRO A 78 -17.90 16.33 -10.15
N HIS A 79 -18.62 17.11 -9.35
CA HIS A 79 -18.01 18.31 -8.74
C HIS A 79 -16.95 17.92 -7.69
N ALA A 80 -16.86 16.63 -7.35
CA ALA A 80 -15.86 16.18 -6.37
C ALA A 80 -14.49 15.84 -7.00
N PHE A 81 -14.40 15.95 -8.32
CA PHE A 81 -13.21 15.47 -9.02
C PHE A 81 -12.35 16.58 -9.53
N PHE A 82 -11.06 16.44 -9.24
CA PHE A 82 -10.07 17.43 -9.59
C PHE A 82 -8.83 16.83 -10.19
N LEU A 83 -8.17 17.64 -10.99
CA LEU A 83 -6.88 17.29 -11.51
C LEU A 83 -5.84 18.31 -11.04
N VAL A 84 -4.67 17.82 -10.64
CA VAL A 84 -3.61 18.70 -10.27
C VAL A 84 -2.41 18.37 -11.12
N LYS A 85 -1.84 19.39 -11.77
CA LYS A 85 -0.56 19.22 -12.43
C LYS A 85 0.54 19.85 -11.56
N PHE A 86 1.56 19.05 -11.30
CA PHE A 86 2.67 19.41 -10.44
C PHE A 86 3.92 19.55 -11.32
N TRP A 87 4.67 20.63 -11.09
CA TRP A 87 6.05 20.78 -11.57
C TRP A 87 6.91 20.62 -10.32
N ALA A 88 7.54 19.46 -10.18
CA ALA A 88 8.20 19.11 -8.94
C ALA A 88 9.59 19.69 -8.93
N ASP A 89 10.03 20.07 -7.74
CA ASP A 89 11.44 20.45 -7.51
C ASP A 89 12.27 19.24 -7.06
N LEU A 90 13.06 18.65 -7.97
CA LEU A 90 13.87 17.49 -7.64
C LEU A 90 15.33 17.84 -7.42
N ASN A 91 15.59 19.08 -7.07
CA ASN A 91 16.97 19.52 -6.84
C ASN A 91 17.26 19.72 -5.36
N TRP A 92 17.79 18.67 -4.73
CA TRP A 92 18.22 18.76 -3.35
C TRP A 92 19.48 17.91 -3.10
N GLY A 109 17.79 10.39 4.25
CA GLY A 109 16.83 11.36 4.79
C GLY A 109 15.46 10.78 5.09
N PHE A 110 14.61 11.56 5.78
CA PHE A 110 13.21 11.15 5.97
C PHE A 110 12.30 11.73 4.85
N TYR A 111 11.61 10.83 4.15
CA TYR A 111 10.72 11.20 3.05
C TYR A 111 9.29 11.12 3.54
N GLY A 112 8.57 12.23 3.43
CA GLY A 112 7.29 12.35 4.08
C GLY A 112 6.25 12.99 3.20
N VAL A 113 4.99 12.67 3.50
CA VAL A 113 3.86 13.27 2.87
C VAL A 113 2.97 13.84 3.99
N SER A 114 2.56 15.10 3.86
CA SER A 114 1.65 15.70 4.81
C SER A 114 0.43 16.25 4.09
N SER A 115 -0.74 15.98 4.64
CA SER A 115 -2.00 16.37 4.02
C SER A 115 -2.86 17.05 5.09
N GLN A 116 -3.63 18.06 4.72
CA GLN A 116 -4.59 18.58 5.70
C GLN A 116 -5.92 18.94 5.02
N TYR A 117 -7.02 18.51 5.60
CA TYR A 117 -8.35 18.89 5.16
C TYR A 117 -9.14 19.57 6.28
N GLU A 118 -10.20 20.26 5.92
CA GLU A 118 -11.16 20.73 6.91
C GLU A 118 -12.59 20.67 6.41
N SER A 119 -13.51 20.70 7.38
CA SER A 119 -14.93 20.75 7.08
C SER A 119 -15.69 21.35 8.26
N LEU A 120 -16.97 21.56 8.02
CA LEU A 120 -17.87 22.04 9.04
C LEU A 120 -18.63 20.90 9.75
N GLU A 121 -18.63 19.70 9.14
CA GLU A 121 -19.27 18.54 9.76
C GLU A 121 -18.21 17.64 10.36
N HIS A 122 -18.54 16.98 11.47
CA HIS A 122 -17.66 16.04 12.10
C HIS A 122 -17.71 14.74 11.29
N MET A 123 -16.56 14.30 10.84
CA MET A 123 -16.48 13.11 10.02
C MET A 123 -15.27 12.32 10.43
N THR A 124 -15.26 11.05 10.01
CA THR A 124 -14.03 10.28 9.93
C THR A 124 -13.78 10.02 8.45
N LEU A 125 -12.56 10.31 7.99
CA LEU A 125 -12.18 10.19 6.58
C LEU A 125 -11.35 8.93 6.31
N THR A 126 -11.58 8.30 5.16
CA THR A 126 -10.68 7.31 4.61
C THR A 126 -9.99 7.94 3.42
N CYS A 127 -8.65 7.93 3.44
CA CYS A 127 -7.84 8.50 2.38
C CYS A 127 -7.09 7.41 1.66
N SER A 128 -7.44 7.19 0.40
CA SER A 128 -6.77 6.21 -0.44
C SER A 128 -5.88 6.90 -1.44
N SER A 129 -4.60 6.54 -1.45
CA SER A 129 -3.69 7.00 -2.49
C SER A 129 -3.13 5.85 -3.31
N LYS A 130 -3.30 5.96 -4.62
CA LYS A 130 -2.87 4.93 -5.55
C LYS A 130 -1.85 5.50 -6.53
N VAL A 131 -0.67 4.92 -6.54
CA VAL A 131 0.37 5.33 -7.44
C VAL A 131 0.31 4.41 -8.61
N CYS A 132 0.34 4.98 -9.79
CA CYS A 132 0.25 4.21 -11.00
C CYS A 132 1.40 4.50 -11.93
N SER A 133 1.82 3.43 -12.57
CA SER A 133 2.93 3.46 -13.51
C SER A 133 2.44 2.73 -14.76
N PHE A 134 2.35 3.43 -15.89
CA PHE A 134 1.89 2.85 -17.14
C PHE A 134 0.46 2.33 -17.01
N GLY A 135 -0.38 3.11 -16.32
CA GLY A 135 -1.78 2.75 -16.12
C GLY A 135 -2.03 1.63 -15.11
N LYS A 136 -0.97 1.00 -14.61
CA LYS A 136 -1.12 -0.04 -13.61
C LYS A 136 -0.84 0.50 -12.21
N GLN A 137 -1.69 0.14 -11.26
CA GLN A 137 -1.47 0.49 -9.86
C GLN A 137 -0.27 -0.28 -9.31
N VAL A 138 0.69 0.44 -8.74
CA VAL A 138 1.87 -0.18 -8.13
C VAL A 138 1.92 0.08 -6.62
N VAL A 139 1.16 1.06 -6.15
CA VAL A 139 1.01 1.26 -4.71
C VAL A 139 -0.44 1.56 -4.38
N GLU A 140 -0.96 1.02 -3.27
CA GLU A 140 -2.11 1.64 -2.64
C GLU A 140 -1.87 1.80 -1.17
N LYS A 141 -2.08 3.01 -0.73
CA LYS A 141 -1.92 3.39 0.67
C LYS A 141 -3.27 3.87 1.19
N VAL A 142 -3.73 3.27 2.27
CA VAL A 142 -5.00 3.66 2.88
C VAL A 142 -4.79 4.16 4.29
N GLU A 143 -5.31 5.34 4.58
CA GLU A 143 -5.15 5.96 5.89
C GLU A 143 -6.50 6.45 6.37
N THR A 144 -6.63 6.52 7.70
CA THR A 144 -7.83 6.99 8.37
C THR A 144 -7.51 8.17 9.29
N GLU A 145 -8.41 9.16 9.32
CA GLU A 145 -8.21 10.33 10.16
C GLU A 145 -9.52 10.85 10.69
N ARG A 146 -9.57 10.98 12.01
CA ARG A 146 -10.77 11.42 12.66
C ARG A 146 -10.72 12.94 12.80
N ALA A 147 -11.88 13.56 12.67
CA ALA A 147 -12.00 15.00 12.85
C ALA A 147 -11.44 15.48 14.17
N GLN A 148 -10.86 16.66 14.18
CA GLN A 148 -10.39 17.31 15.39
C GLN A 148 -11.02 18.69 15.41
N LEU A 149 -11.71 19.02 16.49
CA LEU A 149 -12.30 20.36 16.61
C LEU A 149 -11.21 21.40 16.80
N GLU A 150 -11.25 22.43 15.97
CA GLU A 150 -10.31 23.54 16.07
C GLU A 150 -10.84 24.84 15.44
N ASP A 151 -10.95 25.90 16.24
CA ASP A 151 -11.36 27.23 15.79
C ASP A 151 -12.65 27.22 14.98
N GLY A 152 -13.68 26.55 15.49
CA GLY A 152 -14.99 26.64 14.88
C GLY A 152 -15.23 25.75 13.68
N ARG A 153 -14.25 24.92 13.33
CA ARG A 153 -14.42 23.97 12.24
C ARG A 153 -13.67 22.66 12.60
N PHE A 154 -13.78 21.67 11.73
CA PHE A 154 -13.06 20.41 11.94
C PHE A 154 -11.89 20.31 10.97
N VAL A 155 -10.74 19.89 11.51
CA VAL A 155 -9.53 19.74 10.72
C VAL A 155 -9.13 18.29 10.70
N TYR A 156 -8.49 17.89 9.63
CA TYR A 156 -8.07 16.51 9.50
C TYR A 156 -6.59 16.59 9.13
N ARG A 157 -5.72 16.15 10.03
CA ARG A 157 -4.31 16.29 9.79
C ARG A 157 -3.65 14.97 9.62
N LEU A 158 -3.16 14.73 8.41
CA LEU A 158 -2.42 13.51 8.09
C LEU A 158 -0.98 13.89 7.88
N LEU A 159 -0.24 14.05 8.97
CA LEU A 159 1.09 14.64 8.86
C LEU A 159 2.23 13.66 8.99
N ARG A 160 3.27 13.98 8.24
CA ARG A 160 4.55 13.27 8.18
C ARG A 160 4.32 11.76 8.08
N SER A 161 3.38 11.38 7.22
CA SER A 161 3.22 10.00 6.81
C SER A 161 4.46 9.56 5.97
N PRO A 162 5.11 8.46 6.34
CA PRO A 162 6.27 8.00 5.55
C PRO A 162 5.92 7.77 4.09
N MET A 163 6.71 8.31 3.18
CA MET A 163 6.46 8.15 1.75
C MET A 163 6.72 6.68 1.41
N CYS A 164 5.90 6.07 0.55
CA CYS A 164 6.13 4.70 0.13
C CYS A 164 7.51 4.57 -0.48
N GLU A 165 8.10 3.41 -0.31
CA GLU A 165 9.45 3.14 -0.75
C GLU A 165 9.52 3.12 -2.27
N TYR A 166 8.43 2.77 -2.94
CA TYR A 166 8.42 2.77 -4.39
C TYR A 166 8.83 4.18 -4.82
N LEU A 167 8.09 5.16 -4.30
CA LEU A 167 8.37 6.56 -4.62
C LEU A 167 9.76 7.04 -4.18
N VAL A 168 10.21 6.66 -2.98
CA VAL A 168 11.54 7.10 -2.52
C VAL A 168 12.56 6.58 -3.53
N ASN A 169 12.43 5.32 -3.93
CA ASN A 169 13.40 4.71 -4.83
C ASN A 169 13.30 5.30 -6.23
N PHE A 170 12.06 5.58 -6.66
CA PHE A 170 11.81 6.24 -7.92
C PHE A 170 12.45 7.64 -7.94
N LEU A 171 12.25 8.39 -6.86
CA LEU A 171 12.86 9.71 -6.76
C LEU A 171 14.41 9.63 -6.82
N HIS A 172 15.03 8.64 -6.20
CA HIS A 172 16.48 8.61 -6.23
C HIS A 172 17.01 8.30 -7.64
N LYS A 173 16.27 7.50 -8.39
CA LYS A 173 16.62 7.27 -9.78
C LYS A 173 16.43 8.51 -10.64
N LEU A 174 15.27 9.13 -10.45
CA LEU A 174 14.83 10.22 -11.27
C LEU A 174 15.78 11.41 -11.21
N ARG A 175 16.23 11.73 -10.00
CA ARG A 175 17.07 12.91 -9.82
C ARG A 175 18.42 12.70 -10.49
N GLN A 176 18.74 11.44 -10.87
CA GLN A 176 20.00 11.05 -11.53
C GLN A 176 20.01 11.37 -13.02
N LEU A 177 18.83 11.47 -13.65
CA LEU A 177 18.74 11.73 -15.07
C LEU A 177 19.46 13.03 -15.45
N PRO A 178 20.19 13.01 -16.55
CA PRO A 178 21.03 14.19 -16.81
C PRO A 178 20.30 15.35 -17.43
N GLU A 179 19.03 15.16 -17.74
CA GLU A 179 18.28 16.21 -18.43
C GLU A 179 16.85 16.24 -17.95
N ARG A 180 16.34 17.44 -17.77
CA ARG A 180 14.97 17.60 -17.33
C ARG A 180 14.01 17.07 -18.38
N TYR A 181 14.35 17.19 -19.66
CA TYR A 181 13.44 16.64 -20.67
C TYR A 181 13.31 15.11 -20.50
N MET A 182 14.35 14.47 -20.00
CA MET A 182 14.29 13.01 -19.81
C MET A 182 13.46 12.63 -18.57
N MET A 183 13.59 13.40 -17.49
CA MET A 183 12.69 13.26 -16.32
C MET A 183 11.21 13.41 -16.73
N ASN A 184 10.89 14.38 -17.57
CA ASN A 184 9.51 14.58 -18.01
C ASN A 184 9.04 13.41 -18.86
N SER A 185 9.93 12.86 -19.68
CA SER A 185 9.50 11.72 -20.47
C SER A 185 9.15 10.57 -19.54
N VAL A 186 9.97 10.33 -18.53
CA VAL A 186 9.71 9.21 -17.63
C VAL A 186 8.43 9.48 -16.84
N LEU A 187 8.22 10.73 -16.42
CA LEU A 187 7.07 11.09 -15.60
C LEU A 187 5.73 11.08 -16.36
N GLU A 188 5.79 11.11 -17.69
CA GLU A 188 4.55 10.97 -18.48
C GLU A 188 3.75 9.74 -18.07
N ASN A 189 4.42 8.69 -17.60
CA ASN A 189 3.76 7.43 -17.28
C ASN A 189 3.48 7.22 -15.79
N PHE A 190 3.58 8.29 -15.02
CA PHE A 190 3.50 8.19 -13.58
C PHE A 190 2.44 9.09 -13.03
N THR A 191 1.49 8.52 -12.31
CA THR A 191 0.36 9.32 -11.81
C THR A 191 -0.04 8.83 -10.46
N ILE A 192 -0.78 9.68 -9.76
CA ILE A 192 -1.40 9.36 -8.51
C ILE A 192 -2.88 9.70 -8.50
N LEU A 193 -3.65 8.83 -7.87
CA LEU A 193 -5.09 9.03 -7.70
C LEU A 193 -5.37 9.01 -6.23
N GLN A 194 -5.85 10.12 -5.71
CA GLN A 194 -6.29 10.14 -4.30
C GLN A 194 -7.80 10.19 -4.15
N VAL A 195 -8.34 9.28 -3.35
CA VAL A 195 -9.76 9.27 -3.10
C VAL A 195 -9.98 9.43 -1.60
N VAL A 196 -10.76 10.44 -1.25
CA VAL A 196 -11.14 10.68 0.13
C VAL A 196 -12.65 10.39 0.26
N THR A 197 -12.98 9.48 1.17
CA THR A 197 -14.36 9.07 1.40
C THR A 197 -14.76 9.31 2.85
N ASN A 198 -16.05 9.58 3.05
CA ASN A 198 -16.63 9.55 4.39
C ASN A 198 -16.63 8.10 4.85
N ARG A 199 -15.80 7.77 5.82
CA ARG A 199 -15.70 6.38 6.25
C ARG A 199 -17.04 5.82 6.73
N ASP A 200 -17.81 6.62 7.45
CA ASP A 200 -19.02 6.12 8.05
C ASP A 200 -20.14 5.97 7.02
N THR A 201 -20.09 6.70 5.91
CA THR A 201 -21.11 6.51 4.89
C THR A 201 -20.63 6.02 3.55
N GLN A 202 -19.32 5.95 3.37
CA GLN A 202 -18.70 5.50 2.12
C GLN A 202 -19.00 6.40 0.91
N GLU A 203 -19.59 7.56 1.17
CA GLU A 203 -19.74 8.62 0.18
C GLU A 203 -18.37 9.19 -0.24
N LEU A 204 -18.15 9.34 -1.53
CA LEU A 204 -16.95 10.03 -2.01
C LEU A 204 -17.01 11.51 -1.67
N LEU A 205 -15.97 12.00 -1.03
CA LEU A 205 -15.88 13.44 -0.75
C LEU A 205 -15.03 14.20 -1.71
N LEU A 206 -13.87 13.64 -2.02
CA LEU A 206 -12.89 14.27 -2.94
C LEU A 206 -12.16 13.19 -3.73
N CYS A 207 -11.94 13.42 -5.01
CA CYS A 207 -11.09 12.54 -5.80
C CYS A 207 -10.16 13.41 -6.60
N THR A 208 -8.88 13.20 -6.40
CA THR A 208 -7.91 14.04 -7.08
C THR A 208 -6.90 13.19 -7.88
N ALA A 209 -6.80 13.54 -9.18
CA ALA A 209 -5.78 13.00 -10.08
C ALA A 209 -4.55 13.88 -10.13
N TYR A 210 -3.38 13.28 -9.99
CA TYR A 210 -2.13 14.04 -10.04
C TYR A 210 -1.22 13.64 -11.20
N VAL A 211 -0.74 14.62 -11.94
CA VAL A 211 0.26 14.36 -12.97
C VAL A 211 1.45 15.24 -12.70
N PHE A 212 2.58 14.88 -13.31
CA PHE A 212 3.87 15.43 -12.93
C PHE A 212 4.79 15.78 -14.10
N GLU A 213 5.44 16.92 -13.93
CA GLU A 213 6.65 17.26 -14.66
C GLU A 213 7.65 17.72 -13.61
N VAL A 214 8.86 18.08 -14.06
CA VAL A 214 9.91 18.53 -13.17
C VAL A 214 10.11 20.02 -13.47
N SER A 215 10.31 20.82 -12.44
CA SER A 215 10.70 22.24 -12.64
C SER A 215 12.21 22.42 -12.60
N THR A 216 12.64 23.67 -12.75
CA THR A 216 14.04 24.02 -12.58
C THR A 216 14.22 24.48 -11.15
N SER A 217 15.46 24.77 -10.77
CA SER A 217 15.70 25.20 -9.40
C SER A 217 15.34 26.68 -9.23
N GLU A 218 15.59 27.45 -10.29
CA GLU A 218 15.36 28.88 -10.23
C GLU A 218 13.86 29.15 -10.05
N ARG A 219 13.04 28.43 -10.82
CA ARG A 219 11.60 28.37 -10.58
C ARG A 219 11.35 27.27 -9.58
N GLY A 220 10.58 27.54 -8.55
CA GLY A 220 10.34 26.47 -7.61
C GLY A 220 9.28 25.51 -8.12
N ALA A 221 8.87 24.63 -7.21
CA ALA A 221 7.70 23.82 -7.43
C ALA A 221 6.51 24.68 -7.78
N GLN A 222 5.61 24.12 -8.57
CA GLN A 222 4.40 24.84 -8.90
C GLN A 222 3.31 23.82 -9.08
N HIS A 223 2.08 24.28 -9.06
CA HIS A 223 0.97 23.42 -9.37
C HIS A 223 -0.09 24.20 -10.07
N HIS A 224 -0.97 23.49 -10.78
CA HIS A 224 -2.22 24.05 -11.26
C HIS A 224 -3.30 23.05 -11.04
N ILE A 225 -4.37 23.57 -10.43
CA ILE A 225 -5.57 22.84 -10.07
C ILE A 225 -6.61 23.06 -11.15
N TYR A 226 -7.17 21.96 -11.61
CA TYR A 226 -8.22 22.00 -12.60
C TYR A 226 -9.42 21.19 -12.12
N ARG A 227 -10.60 21.59 -12.58
CA ARG A 227 -11.82 20.80 -12.38
C ARG A 227 -11.89 19.71 -13.43
N LEU A 228 -12.27 18.51 -13.05
CA LEU A 228 -12.49 17.47 -14.05
C LEU A 228 -13.95 17.47 -14.46
N VAL A 229 -14.22 17.51 -15.76
CA VAL A 229 -15.59 17.59 -16.27
C VAL A 229 -15.78 16.58 -17.37
N ARG A 230 -17.01 16.50 -17.88
CA ARG A 230 -17.30 15.66 -19.05
C ARG A 230 -18.51 16.14 -19.85
N GLN B 3 14.85 -16.20 21.15
CA GLN B 3 14.54 -17.58 20.81
C GLN B 3 13.07 -17.82 20.44
N ALA B 4 12.64 -17.41 19.24
CA ALA B 4 11.20 -17.42 18.92
C ALA B 4 10.67 -18.83 18.60
N ARG B 5 9.44 -19.11 19.04
CA ARG B 5 8.83 -20.45 18.88
C ARG B 5 7.64 -20.41 17.94
N GLY B 6 7.24 -19.20 17.56
CA GLY B 6 6.10 -19.00 16.69
C GLY B 6 6.30 -17.71 15.92
N LEU B 7 5.35 -17.35 15.07
CA LEU B 7 5.51 -16.14 14.27
C LEU B 7 4.99 -14.94 15.08
N GLY B 8 5.87 -14.38 15.89
CA GLY B 8 5.57 -13.20 16.63
C GLY B 8 6.65 -12.95 17.65
N THR B 9 6.56 -11.78 18.28
CA THR B 9 7.40 -11.41 19.39
C THR B 9 6.52 -11.17 20.59
N ALA B 10 7.13 -10.78 21.70
CA ALA B 10 6.39 -10.51 22.95
C ALA B 10 5.49 -9.30 22.75
N ARG B 11 5.84 -8.50 21.74
CA ARG B 11 5.23 -7.23 21.50
C ARG B 11 4.07 -7.32 20.48
N LEU B 12 4.18 -8.24 19.52
CA LEU B 12 3.15 -8.37 18.50
C LEU B 12 3.19 -9.79 17.95
N GLN B 13 2.03 -10.45 17.96
CA GLN B 13 1.90 -11.83 17.45
C GLN B 13 0.93 -11.92 16.30
N LEU B 14 1.30 -12.72 15.30
CA LEU B 14 0.39 -13.05 14.23
C LEU B 14 -0.56 -14.09 14.81
N VAL B 15 -1.83 -13.88 14.62
CA VAL B 15 -2.80 -14.83 15.14
C VAL B 15 -3.47 -15.53 13.97
N GLU B 16 -3.68 -14.79 12.89
CA GLU B 16 -4.35 -15.35 11.73
C GLU B 16 -3.92 -14.67 10.47
N PHE B 17 -3.73 -15.46 9.42
CA PHE B 17 -3.44 -14.92 8.12
C PHE B 17 -4.00 -15.88 7.09
N SER B 18 -4.75 -15.35 6.13
CA SER B 18 -5.38 -16.22 5.13
C SER B 18 -5.60 -15.47 3.87
N ALA B 19 -5.43 -16.16 2.76
CA ALA B 19 -5.79 -15.56 1.48
C ALA B 19 -6.75 -16.52 0.83
N PHE B 20 -7.86 -15.98 0.31
CA PHE B 20 -8.92 -16.87 -0.09
C PHE B 20 -9.76 -16.38 -1.22
N VAL B 21 -10.62 -17.28 -1.70
CA VAL B 21 -11.65 -16.90 -2.64
C VAL B 21 -12.96 -17.54 -2.29
N GLU B 22 -14.00 -16.71 -2.31
CA GLU B 22 -15.38 -17.12 -2.11
C GLU B 22 -16.09 -17.12 -3.48
N PRO B 23 -16.62 -18.27 -3.90
CA PRO B 23 -17.26 -18.29 -5.22
C PRO B 23 -18.53 -17.46 -5.25
N PRO B 24 -19.04 -17.12 -6.45
CA PRO B 24 -20.32 -16.39 -6.51
C PRO B 24 -21.45 -17.07 -5.73
N ASP B 25 -21.63 -18.37 -5.92
CA ASP B 25 -22.70 -19.11 -5.22
C ASP B 25 -22.48 -19.24 -3.69
N ALA B 26 -21.56 -18.46 -3.14
CA ALA B 26 -21.26 -18.52 -1.72
C ALA B 26 -22.40 -17.92 -0.93
N VAL B 27 -23.20 -17.09 -1.58
CA VAL B 27 -24.36 -16.47 -0.95
C VAL B 27 -25.50 -17.47 -0.80
N ASP B 28 -25.48 -18.53 -1.61
CA ASP B 28 -26.48 -19.59 -1.52
C ASP B 28 -26.07 -20.66 -0.50
N SER B 29 -24.86 -21.16 -0.64
CA SER B 29 -24.28 -22.09 0.30
C SER B 29 -22.85 -21.62 0.56
N TYR B 30 -22.54 -21.20 1.78
CA TYR B 30 -21.27 -20.49 1.99
C TYR B 30 -20.07 -21.42 1.86
N GLN B 31 -19.05 -20.95 1.14
CA GLN B 31 -17.80 -21.68 1.06
C GLN B 31 -16.67 -20.72 0.67
N ARG B 32 -15.45 -21.10 1.00
CA ARG B 32 -14.28 -20.32 0.65
C ARG B 32 -13.15 -21.28 0.45
N HIS B 33 -12.33 -20.95 -0.53
CA HIS B 33 -11.16 -21.70 -0.81
C HIS B 33 -9.95 -20.94 -0.23
N LEU B 34 -9.13 -21.67 0.50
CA LEU B 34 -7.92 -21.11 1.07
C LEU B 34 -6.71 -21.35 0.19
N PHE B 35 -6.14 -20.27 -0.35
CA PHE B 35 -4.86 -20.40 -1.06
C PHE B 35 -3.73 -20.69 -0.07
N VAL B 36 -3.67 -19.90 1.00
CA VAL B 36 -2.70 -20.12 2.07
C VAL B 36 -3.40 -19.69 3.34
N HIS B 37 -2.86 -20.15 4.47
CA HIS B 37 -3.55 -19.98 5.76
C HIS B 37 -2.63 -20.25 6.94
N ILE B 38 -2.51 -19.31 7.87
CA ILE B 38 -1.73 -19.52 9.09
C ILE B 38 -2.66 -19.24 10.28
N SER B 39 -2.70 -20.15 11.24
CA SER B 39 -3.41 -19.91 12.50
C SER B 39 -2.54 -20.27 13.71
N GLN B 40 -2.36 -19.32 14.63
CA GLN B 40 -1.44 -19.54 15.77
C GLN B 40 -2.12 -19.32 17.12
N ALA B 47 7.36 -26.00 23.51
CA ALA B 47 7.63 -25.98 22.09
C ALA B 47 9.07 -25.69 21.77
N PRO B 48 9.53 -26.28 20.62
CA PRO B 48 10.92 -25.99 20.31
C PRO B 48 11.01 -24.66 19.66
N PRO B 49 12.31 -24.25 19.48
CA PRO B 49 12.44 -22.99 18.78
C PRO B 49 12.23 -23.30 17.31
N LEU B 50 11.92 -22.29 16.51
CA LEU B 50 11.74 -22.53 15.11
C LEU B 50 13.12 -22.72 14.54
N GLU B 51 13.18 -23.37 13.40
CA GLU B 51 14.41 -23.50 12.66
C GLU B 51 14.70 -22.18 12.04
N SER B 52 15.94 -22.05 11.56
CA SER B 52 16.54 -20.78 11.24
C SER B 52 16.92 -20.79 9.80
N VAL B 53 16.96 -19.59 9.22
CA VAL B 53 17.47 -19.44 7.87
C VAL B 53 18.29 -18.17 7.85
N ASP B 54 19.44 -18.25 7.22
CA ASP B 54 20.28 -17.10 7.17
C ASP B 54 19.73 -16.14 6.13
N VAL B 55 19.45 -14.92 6.57
CA VAL B 55 18.72 -14.01 5.74
C VAL B 55 19.51 -13.62 4.49
N ARG B 56 20.83 -13.74 4.56
CA ARG B 56 21.67 -13.40 3.39
C ARG B 56 21.28 -14.24 2.18
N GLN B 57 20.96 -15.51 2.41
CA GLN B 57 20.55 -16.42 1.36
C GLN B 57 19.31 -16.00 0.55
N ILE B 58 18.51 -15.07 1.07
CA ILE B 58 17.29 -14.72 0.35
C ILE B 58 17.26 -13.23 0.01
N TYR B 59 18.33 -12.50 0.37
CA TYR B 59 18.48 -11.09 0.01
C TYR B 59 18.14 -10.94 -1.45
N ASP B 60 18.73 -11.86 -2.19
CA ASP B 60 18.47 -12.09 -3.59
C ASP B 60 17.01 -11.85 -4.00
N LYS B 61 16.07 -12.50 -3.30
CA LYS B 61 14.71 -12.59 -3.79
C LYS B 61 13.83 -11.40 -3.41
N PHE B 62 14.40 -10.39 -2.77
CA PHE B 62 13.56 -9.24 -2.36
C PHE B 62 14.15 -7.92 -2.83
N PRO B 63 13.36 -6.88 -2.73
CA PRO B 63 13.61 -5.53 -3.24
C PRO B 63 14.79 -4.78 -2.63
N GLU B 64 15.06 -3.62 -3.21
CA GLU B 64 16.16 -2.72 -2.81
C GLU B 64 15.74 -1.30 -3.13
N LYS B 65 16.37 -0.30 -2.52
CA LYS B 65 17.34 -0.43 -1.49
C LYS B 65 16.49 -0.12 -0.31
N LYS B 66 15.71 0.92 -0.43
CA LYS B 66 14.71 1.29 0.59
C LYS B 66 13.61 0.24 0.68
N GLY B 67 13.41 -0.32 1.89
CA GLY B 67 12.34 -1.29 2.12
C GLY B 67 12.73 -2.70 1.69
N GLY B 68 14.02 -2.85 1.38
CA GLY B 68 14.60 -4.13 1.04
C GLY B 68 15.09 -4.86 2.27
N LEU B 69 15.22 -6.17 2.14
CA LEU B 69 15.45 -7.03 3.30
C LEU B 69 16.75 -6.64 4.04
N ARG B 70 17.86 -6.42 3.35
CA ARG B 70 19.10 -6.11 4.08
C ARG B 70 19.00 -4.84 4.93
N GLU B 71 18.44 -3.78 4.35
CA GLU B 71 18.31 -2.50 5.05
C GLU B 71 17.31 -2.56 6.19
N LEU B 72 16.27 -3.35 6.02
CA LEU B 72 15.32 -3.57 7.10
C LEU B 72 16.04 -4.32 8.21
N TYR B 73 16.77 -5.37 7.84
CA TYR B 73 17.42 -6.20 8.84
C TYR B 73 18.48 -5.37 9.59
N ASP B 74 19.28 -4.60 8.85
CA ASP B 74 20.20 -3.63 9.46
C ASP B 74 19.51 -2.68 10.45
N ARG B 75 18.36 -2.10 10.11
CA ARG B 75 17.65 -1.23 11.03
C ARG B 75 17.16 -1.99 12.27
N GLY B 76 16.76 -3.23 12.07
CA GLY B 76 16.33 -4.12 13.11
C GLY B 76 14.98 -3.79 13.59
N PRO B 77 14.48 -4.39 14.73
CA PRO B 77 15.33 -5.34 15.45
C PRO B 77 15.44 -6.74 14.86
N PRO B 78 16.59 -7.40 14.96
CA PRO B 78 16.75 -8.73 14.35
C PRO B 78 15.73 -9.77 14.79
N HIS B 79 15.27 -9.71 16.04
CA HIS B 79 14.42 -10.83 16.52
C HIS B 79 13.06 -10.76 15.83
N ALA B 80 12.77 -9.68 15.12
CA ALA B 80 11.45 -9.54 14.54
C ALA B 80 11.28 -10.13 13.15
N PHE B 81 12.28 -10.84 12.64
CA PHE B 81 12.27 -11.32 11.25
C PHE B 81 11.98 -12.81 11.09
N PHE B 82 11.07 -13.12 10.18
CA PHE B 82 10.61 -14.48 9.93
C PHE B 82 10.49 -14.74 8.44
N LEU B 83 10.61 -16.00 8.09
CA LEU B 83 10.40 -16.49 6.75
C LEU B 83 9.34 -17.53 6.77
N VAL B 84 8.39 -17.43 5.87
CA VAL B 84 7.34 -18.42 5.77
C VAL B 84 7.40 -19.04 4.37
N LYS B 85 7.53 -20.35 4.31
CA LYS B 85 7.35 -21.08 3.06
C LYS B 85 5.92 -21.58 3.03
N PHE B 86 5.22 -21.26 1.95
CA PHE B 86 3.86 -21.73 1.70
C PHE B 86 3.89 -22.77 0.59
N TRP B 87 3.10 -23.82 0.78
CA TRP B 87 2.60 -24.61 -0.32
C TRP B 87 1.17 -24.18 -0.56
N ALA B 88 1.00 -23.38 -1.59
CA ALA B 88 -0.29 -22.80 -1.96
C ALA B 88 -1.22 -23.80 -2.59
N ASP B 89 -2.47 -23.74 -2.19
CA ASP B 89 -3.48 -24.55 -2.79
C ASP B 89 -4.11 -23.86 -3.99
N LEU B 90 -3.75 -24.27 -5.19
CA LEU B 90 -4.25 -23.58 -6.41
C LEU B 90 -5.25 -24.41 -7.19
N ASN B 91 -5.97 -25.23 -6.44
CA ASN B 91 -6.96 -26.13 -6.98
C ASN B 91 -8.34 -25.64 -6.55
N TRP B 92 -8.96 -24.78 -7.34
CA TRP B 92 -10.28 -24.28 -6.94
C TRP B 92 -11.19 -24.09 -8.14
N GLY B 109 -16.05 -14.22 -8.52
CA GLY B 109 -15.58 -14.62 -7.18
C GLY B 109 -14.98 -13.48 -6.37
N PHE B 110 -15.13 -13.48 -5.03
CA PHE B 110 -14.43 -12.46 -4.24
C PHE B 110 -13.05 -12.98 -3.73
N TYR B 111 -12.00 -12.27 -4.08
CA TYR B 111 -10.64 -12.65 -3.68
C TYR B 111 -10.19 -11.78 -2.54
N GLY B 112 -9.82 -12.40 -1.42
CA GLY B 112 -9.57 -11.60 -0.24
C GLY B 112 -8.40 -12.06 0.58
N VAL B 113 -7.94 -11.16 1.43
CA VAL B 113 -6.84 -11.35 2.36
C VAL B 113 -7.27 -10.86 3.78
N SER B 114 -6.99 -11.66 4.81
CA SER B 114 -7.40 -11.39 6.20
C SER B 114 -6.21 -11.64 7.12
N SER B 115 -5.91 -10.64 7.94
CA SER B 115 -4.79 -10.68 8.88
C SER B 115 -5.30 -10.27 10.23
N GLN B 116 -4.86 -10.95 11.28
CA GLN B 116 -5.16 -10.51 12.61
C GLN B 116 -3.92 -10.65 13.49
N TYR B 117 -3.63 -9.60 14.27
CA TYR B 117 -2.50 -9.58 15.19
C TYR B 117 -3.02 -9.32 16.60
N GLU B 118 -2.20 -9.66 17.58
CA GLU B 118 -2.49 -9.16 18.91
C GLU B 118 -1.26 -8.73 19.70
N SER B 119 -1.55 -7.92 20.70
CA SER B 119 -0.53 -7.38 21.57
C SER B 119 -1.10 -7.14 22.96
N LEU B 120 -0.19 -6.94 23.90
CA LEU B 120 -0.56 -6.40 25.18
C LEU B 120 -0.52 -4.90 25.17
N GLU B 121 0.18 -4.29 24.20
CA GLU B 121 0.12 -2.83 24.16
C GLU B 121 -0.79 -2.28 23.05
N HIS B 122 -1.35 -1.11 23.36
CA HIS B 122 -2.21 -0.33 22.46
C HIS B 122 -1.33 0.49 21.52
N MET B 123 -1.46 0.21 20.24
CA MET B 123 -0.72 0.87 19.20
C MET B 123 -1.63 1.11 18.01
N THR B 124 -1.15 1.94 17.10
CA THR B 124 -1.65 1.94 15.75
C THR B 124 -0.58 1.37 14.88
N LEU B 125 -0.92 0.34 14.11
CA LEU B 125 0.04 -0.33 13.21
C LEU B 125 -0.11 0.14 11.81
N THR B 126 1.01 0.17 11.14
CA THR B 126 1.04 0.21 9.68
C THR B 126 1.53 -1.10 9.15
N CYS B 127 0.75 -1.70 8.26
CA CYS B 127 1.06 -2.94 7.64
C CYS B 127 1.31 -2.73 6.18
N SER B 128 2.54 -2.99 5.78
CA SER B 128 2.97 -2.88 4.40
C SER B 128 3.22 -4.23 3.80
N SER B 129 2.51 -4.53 2.71
CA SER B 129 2.79 -5.73 1.95
C SER B 129 3.33 -5.43 0.58
N LYS B 130 4.48 -6.01 0.27
CA LYS B 130 5.11 -5.82 -1.06
C LYS B 130 5.23 -7.13 -1.82
N VAL B 131 4.63 -7.18 -3.01
CA VAL B 131 4.80 -8.30 -3.90
C VAL B 131 5.94 -8.01 -4.82
N CYS B 132 6.85 -8.97 -4.96
CA CYS B 132 7.98 -8.80 -5.86
C CYS B 132 8.09 -9.94 -6.84
N SER B 133 8.37 -9.62 -8.10
CA SER B 133 8.72 -10.60 -9.12
C SER B 133 10.20 -10.48 -9.55
N PHE B 134 10.94 -11.58 -9.48
CA PHE B 134 12.40 -11.50 -9.62
C PHE B 134 12.96 -10.37 -8.71
N GLY B 135 12.57 -10.36 -7.44
CA GLY B 135 12.97 -9.33 -6.49
C GLY B 135 12.55 -7.88 -6.74
N LYS B 136 11.62 -7.64 -7.65
CA LYS B 136 11.24 -6.28 -8.05
C LYS B 136 9.80 -6.02 -7.72
N GLN B 137 9.56 -4.87 -7.08
CA GLN B 137 8.25 -4.49 -6.58
C GLN B 137 7.28 -4.39 -7.73
N VAL B 138 6.08 -4.97 -7.59
CA VAL B 138 5.05 -4.92 -8.63
C VAL B 138 3.76 -4.47 -8.02
N VAL B 139 3.67 -4.62 -6.71
CA VAL B 139 2.59 -3.95 -6.02
C VAL B 139 2.95 -3.80 -4.53
N GLU B 140 2.35 -2.82 -3.86
CA GLU B 140 2.67 -2.44 -2.49
C GLU B 140 1.38 -1.97 -1.95
N LYS B 141 0.99 -2.56 -0.82
CA LYS B 141 -0.24 -2.19 -0.17
C LYS B 141 0.08 -1.82 1.26
N VAL B 142 -0.35 -0.64 1.66
CA VAL B 142 -0.04 -0.04 2.94
C VAL B 142 -1.36 0.32 3.57
N GLU B 143 -1.61 -0.23 4.76
CA GLU B 143 -2.83 0.01 5.52
C GLU B 143 -2.44 0.28 6.95
N THR B 144 -3.30 1.01 7.66
CA THR B 144 -3.14 1.23 9.09
C THR B 144 -4.33 0.64 9.80
N GLU B 145 -4.08 0.15 10.99
CA GLU B 145 -5.10 -0.41 11.85
C GLU B 145 -4.81 -0.07 13.32
N ARG B 146 -5.82 0.51 13.95
CA ARG B 146 -5.79 0.93 15.35
C ARG B 146 -6.21 -0.24 16.22
N ALA B 147 -5.62 -0.35 17.40
CA ALA B 147 -5.93 -1.43 18.33
C ALA B 147 -7.39 -1.42 18.69
N GLN B 148 -7.95 -2.59 18.95
CA GLN B 148 -9.30 -2.69 19.51
C GLN B 148 -9.19 -3.60 20.72
N LEU B 149 -10.00 -3.37 21.74
CA LEU B 149 -10.07 -4.29 22.84
C LEU B 149 -10.72 -5.61 22.46
N GLU B 150 -10.28 -6.61 23.19
CA GLU B 150 -10.85 -7.93 23.12
C GLU B 150 -10.41 -8.50 24.45
N ASP B 151 -10.61 -9.80 24.66
CA ASP B 151 -10.56 -10.39 26.00
C ASP B 151 -9.14 -10.53 26.53
N GLY B 152 -8.73 -9.59 27.39
CA GLY B 152 -7.36 -9.54 27.91
C GLY B 152 -6.24 -9.27 26.88
N ARG B 153 -6.56 -8.61 25.78
CA ARG B 153 -5.60 -8.30 24.72
C ARG B 153 -6.11 -7.18 23.85
N PHE B 154 -5.20 -6.53 23.15
CA PHE B 154 -5.58 -5.72 22.00
C PHE B 154 -5.47 -6.55 20.75
N VAL B 155 -6.43 -6.33 19.84
CA VAL B 155 -6.44 -7.05 18.57
C VAL B 155 -6.35 -6.03 17.49
N TYR B 156 -5.80 -6.47 16.38
CA TYR B 156 -5.66 -5.66 15.21
C TYR B 156 -6.18 -6.46 14.04
N ARG B 157 -7.28 -6.00 13.46
CA ARG B 157 -8.04 -6.77 12.48
C ARG B 157 -8.04 -6.12 11.11
N LEU B 158 -7.44 -6.81 10.17
CA LEU B 158 -7.39 -6.32 8.80
C LEU B 158 -8.07 -7.42 8.02
N LEU B 159 -9.40 -7.45 8.10
CA LEU B 159 -10.13 -8.62 7.58
C LEU B 159 -10.74 -8.32 6.22
N ARG B 160 -10.80 -9.34 5.38
CA ARG B 160 -11.42 -9.24 4.06
C ARG B 160 -10.96 -8.07 3.22
N SER B 161 -9.67 -7.75 3.21
CA SER B 161 -9.17 -6.77 2.26
C SER B 161 -9.32 -7.36 0.89
N PRO B 162 -9.79 -6.57 -0.08
CA PRO B 162 -9.82 -7.15 -1.42
C PRO B 162 -8.42 -7.39 -1.96
N MET B 163 -8.14 -8.60 -2.43
CA MET B 163 -6.91 -8.89 -3.15
C MET B 163 -6.80 -7.93 -4.35
N CYS B 164 -5.62 -7.38 -4.57
CA CYS B 164 -5.46 -6.49 -5.71
C CYS B 164 -5.41 -7.30 -6.99
N GLU B 165 -5.73 -6.61 -8.09
CA GLU B 165 -5.93 -7.23 -9.39
C GLU B 165 -4.71 -7.96 -9.91
N TYR B 166 -3.52 -7.50 -9.52
CA TYR B 166 -2.29 -8.12 -9.97
C TYR B 166 -2.29 -9.54 -9.44
N LEU B 167 -2.62 -9.71 -8.17
CA LEU B 167 -2.53 -11.03 -7.57
C LEU B 167 -3.66 -11.90 -8.14
N VAL B 168 -4.87 -11.34 -8.31
CA VAL B 168 -5.97 -12.17 -8.79
C VAL B 168 -5.60 -12.64 -10.17
N ASN B 169 -5.03 -11.77 -10.98
CA ASN B 169 -4.69 -12.13 -12.36
C ASN B 169 -3.53 -13.09 -12.41
N PHE B 170 -2.55 -12.86 -11.55
CA PHE B 170 -1.46 -13.81 -11.43
C PHE B 170 -1.96 -15.22 -11.04
N LEU B 171 -2.85 -15.28 -10.06
CA LEU B 171 -3.37 -16.56 -9.62
C LEU B 171 -4.08 -17.29 -10.76
N HIS B 172 -4.87 -16.56 -11.53
CA HIS B 172 -5.59 -17.17 -12.64
C HIS B 172 -4.65 -17.66 -13.73
N LYS B 173 -3.58 -16.92 -13.99
CA LYS B 173 -2.57 -17.40 -14.93
C LYS B 173 -1.86 -18.63 -14.39
N LEU B 174 -1.47 -18.61 -13.13
CA LEU B 174 -0.74 -19.70 -12.51
C LEU B 174 -1.53 -21.00 -12.59
N ARG B 175 -2.81 -20.85 -12.34
CA ARG B 175 -3.78 -21.94 -12.32
C ARG B 175 -3.74 -22.74 -13.61
N GLN B 176 -3.51 -22.05 -14.71
CA GLN B 176 -3.74 -22.62 -16.01
C GLN B 176 -2.48 -23.30 -16.56
N LEU B 177 -1.35 -23.13 -15.91
CA LEU B 177 -0.15 -23.76 -16.40
C LEU B 177 -0.29 -25.29 -16.43
N PRO B 178 0.20 -25.93 -17.50
CA PRO B 178 0.08 -27.38 -17.75
C PRO B 178 0.66 -28.33 -16.72
N GLU B 179 1.61 -27.88 -15.91
CA GLU B 179 2.42 -28.78 -15.09
C GLU B 179 2.80 -28.05 -13.83
N ARG B 180 2.78 -28.79 -12.74
CA ARG B 180 3.17 -28.32 -11.41
C ARG B 180 4.61 -27.82 -11.34
N TYR B 181 5.53 -28.51 -12.00
CA TYR B 181 6.92 -28.07 -11.96
C TYR B 181 7.04 -26.70 -12.62
N MET B 182 6.18 -26.38 -13.60
CA MET B 182 6.24 -25.07 -14.25
C MET B 182 5.66 -23.99 -13.31
N MET B 183 4.63 -24.35 -12.56
CA MET B 183 4.14 -23.46 -11.51
C MET B 183 5.22 -23.15 -10.52
N ASN B 184 5.89 -24.19 -10.05
CA ASN B 184 7.00 -24.01 -9.11
C ASN B 184 8.15 -23.21 -9.69
N SER B 185 8.46 -23.38 -10.99
CA SER B 185 9.48 -22.51 -11.60
C SER B 185 9.09 -21.07 -11.58
N VAL B 186 7.84 -20.77 -11.98
CA VAL B 186 7.36 -19.41 -11.95
C VAL B 186 7.45 -18.86 -10.51
N LEU B 187 7.02 -19.64 -9.52
CA LEU B 187 6.98 -19.15 -8.13
C LEU B 187 8.35 -18.97 -7.52
N GLU B 188 9.38 -19.61 -8.07
CA GLU B 188 10.73 -19.38 -7.62
C GLU B 188 11.05 -17.89 -7.60
N ASN B 189 10.45 -17.12 -8.51
CA ASN B 189 10.75 -15.71 -8.64
C ASN B 189 9.65 -14.79 -8.12
N PHE B 190 8.81 -15.34 -7.25
CA PHE B 190 7.66 -14.61 -6.68
C PHE B 190 7.72 -14.60 -5.23
N THR B 191 7.82 -13.41 -4.64
CA THR B 191 7.94 -13.32 -3.18
C THR B 191 7.10 -12.17 -2.63
N ILE B 192 6.82 -12.27 -1.32
CA ILE B 192 6.09 -11.26 -0.64
C ILE B 192 6.81 -10.91 0.64
N LEU B 193 6.88 -9.62 0.88
CA LEU B 193 7.46 -9.07 2.09
C LEU B 193 6.48 -8.22 2.87
N GLN B 194 6.25 -8.60 4.11
CA GLN B 194 5.34 -7.89 4.95
C GLN B 194 6.08 -7.26 6.11
N VAL B 195 5.84 -5.97 6.26
CA VAL B 195 6.48 -5.20 7.31
C VAL B 195 5.40 -4.55 8.15
N VAL B 196 5.43 -4.83 9.45
CA VAL B 196 4.48 -4.23 10.40
C VAL B 196 5.24 -3.36 11.35
N THR B 197 4.81 -2.13 11.44
CA THR B 197 5.49 -1.11 12.22
C THR B 197 4.52 -0.38 13.12
N ASN B 198 5.06 0.18 14.18
CA ASN B 198 4.33 1.08 15.02
C ASN B 198 4.21 2.42 14.30
N ARG B 199 3.01 2.77 13.85
CA ARG B 199 2.79 3.99 13.06
C ARG B 199 3.29 5.25 13.75
N ASP B 200 3.19 5.28 15.07
CA ASP B 200 3.55 6.48 15.83
C ASP B 200 5.07 6.61 15.99
N THR B 201 5.73 5.49 16.24
CA THR B 201 7.14 5.52 16.59
C THR B 201 8.05 5.13 15.44
N GLN B 202 7.46 4.53 14.40
CA GLN B 202 8.20 4.03 13.23
C GLN B 202 9.05 2.78 13.54
N GLU B 203 8.98 2.26 14.77
CA GLU B 203 9.66 1.00 15.11
C GLU B 203 9.08 -0.20 14.37
N LEU B 204 9.98 -1.08 13.93
CA LEU B 204 9.61 -2.33 13.37
C LEU B 204 9.09 -3.33 14.42
N LEU B 205 7.96 -3.95 14.13
CA LEU B 205 7.35 -4.93 15.05
C LEU B 205 7.48 -6.33 14.49
N LEU B 206 7.27 -6.46 13.19
CA LEU B 206 7.35 -7.78 12.59
C LEU B 206 7.65 -7.66 11.13
N CYS B 207 8.55 -8.46 10.63
CA CYS B 207 8.85 -8.50 9.21
C CYS B 207 8.81 -9.95 8.76
N THR B 208 7.95 -10.23 7.80
CA THR B 208 7.84 -11.59 7.33
C THR B 208 8.07 -11.70 5.81
N ALA B 209 9.01 -12.54 5.44
CA ALA B 209 9.27 -12.87 4.07
C ALA B 209 8.50 -14.12 3.70
N TYR B 210 7.86 -14.13 2.54
CA TYR B 210 7.05 -15.24 2.09
C TYR B 210 7.63 -15.77 0.78
N VAL B 211 7.88 -17.08 0.76
CA VAL B 211 8.22 -17.79 -0.47
C VAL B 211 7.20 -18.90 -0.73
N PHE B 212 7.12 -19.35 -1.97
CA PHE B 212 5.97 -20.12 -2.46
C PHE B 212 6.34 -21.32 -3.35
N GLU B 213 5.63 -22.41 -3.10
CA GLU B 213 5.48 -23.53 -4.03
C GLU B 213 4.00 -23.87 -4.11
N VAL B 214 3.67 -24.76 -5.03
CA VAL B 214 2.30 -25.14 -5.25
C VAL B 214 2.12 -26.44 -4.49
N SER B 215 1.02 -26.57 -3.77
CA SER B 215 0.75 -27.81 -3.09
C SER B 215 0.26 -28.81 -4.11
N THR B 216 0.28 -30.07 -3.71
CA THR B 216 -0.18 -31.17 -4.53
C THR B 216 -1.69 -31.01 -4.82
N SER B 217 -2.22 -31.85 -5.69
CA SER B 217 -3.59 -31.75 -6.15
C SER B 217 -4.60 -31.86 -5.00
N GLU B 218 -4.45 -32.91 -4.20
CA GLU B 218 -5.40 -33.29 -3.14
C GLU B 218 -5.00 -32.72 -1.78
N ARG B 219 -3.80 -32.16 -1.72
CA ARG B 219 -3.34 -31.57 -0.48
C ARG B 219 -3.70 -30.11 -0.51
N GLY B 220 -4.24 -29.68 0.61
CA GLY B 220 -4.59 -28.28 0.80
C GLY B 220 -3.31 -27.53 1.14
N ALA B 221 -3.46 -26.25 1.45
CA ALA B 221 -2.33 -25.38 1.77
C ALA B 221 -1.61 -25.84 3.02
N GLN B 222 -0.31 -25.67 3.01
CA GLN B 222 0.48 -25.91 4.21
C GLN B 222 1.55 -24.83 4.28
N HIS B 223 2.27 -24.75 5.40
CA HIS B 223 3.30 -23.74 5.55
C HIS B 223 4.39 -24.22 6.48
N HIS B 224 5.54 -23.59 6.45
CA HIS B 224 6.60 -23.85 7.41
C HIS B 224 7.22 -22.50 7.83
N ILE B 225 7.20 -22.18 9.13
CA ILE B 225 7.72 -20.92 9.65
C ILE B 225 9.18 -21.04 10.12
N TYR B 226 10.05 -20.13 9.66
CA TYR B 226 11.43 -20.07 10.15
C TYR B 226 11.71 -18.71 10.77
N ARG B 227 12.65 -18.67 11.71
CA ARG B 227 13.32 -17.41 12.12
C ARG B 227 14.39 -17.04 11.10
N LEU B 228 14.43 -15.78 10.69
CA LEU B 228 15.55 -15.29 9.89
C LEU B 228 16.64 -14.75 10.79
N VAL B 229 17.85 -15.24 10.60
CA VAL B 229 18.98 -14.91 11.46
C VAL B 229 20.13 -14.39 10.63
N ARG B 230 21.17 -13.94 11.33
CA ARG B 230 22.38 -13.44 10.71
C ARG B 230 23.51 -13.36 11.73
C1 PLM C . 3.58 7.65 -0.25
O1 PLM C . 3.45 6.41 -0.39
O2 PLM C . 4.31 8.46 -0.85
C2 PLM C . 2.78 8.22 0.83
C3 PLM C . 1.45 8.72 0.35
C4 PLM C . 0.96 8.03 -0.94
C5 PLM C . 1.45 8.68 -2.25
C6 PLM C . 0.71 9.96 -2.64
C7 PLM C . 1.38 11.27 -2.16
C8 PLM C . 2.72 11.58 -2.82
C9 PLM C . 2.62 12.61 -3.95
CA PLM C . 3.85 13.48 -4.09
CB PLM C . 5.05 12.74 -4.66
CC PLM C . 6.31 13.62 -4.75
CD PLM C . 7.32 13.18 -5.80
CE PLM C . 6.76 13.19 -7.24
CF PLM C . 7.56 14.04 -8.24
CG PLM C . 8.04 13.25 -9.45
C1 PLM D . -3.78 -6.98 -2.21
O1 PLM D . -3.76 -5.79 -2.61
O2 PLM D . -3.90 -8.04 -2.89
C2 PLM D . -3.62 -7.14 -0.69
C3 PLM D . -2.20 -7.08 -0.23
C4 PLM D . -1.30 -8.13 -0.90
C5 PLM D . -0.28 -8.66 0.06
C6 PLM D . -0.74 -9.83 0.90
C7 PLM D . -1.02 -11.06 0.08
C8 PLM D . -0.35 -12.34 0.58
C9 PLM D . -1.29 -13.53 0.55
CA PLM D . -1.95 -13.76 -0.82
CB PLM D . -1.04 -14.41 -1.84
CC PLM D . -1.36 -15.89 -2.06
CD PLM D . -1.13 -16.38 -3.49
CE PLM D . 0.23 -17.02 -3.71
CF PLM D . 0.17 -18.34 -4.48
CG PLM D . 1.41 -18.59 -5.33
#